data_5TH7
#
_entry.id   5TH7
#
_cell.length_a   83.150
_cell.length_b   31.640
_cell.length_c   114.890
_cell.angle_alpha   90.000
_cell.angle_beta   105.230
_cell.angle_gamma   90.000
#
_symmetry.space_group_name_H-M   'C 1 2 1'
#
loop_
_entity.id
_entity.type
_entity.pdbx_description
1 polymer 'N-lysine methyltransferase KMT5A'
2 non-polymer N-(3-{[6,7-dimethoxy-2-(pyrrolidin-1-yl)quinazolin-4-yl]amino}propyl)propanamide
3 non-polymer 'UNKNOWN ATOM OR ION'
4 non-polymer 1,2-ETHANEDIOL
5 water water
#
_entity_poly.entity_id   1
_entity_poly.type   'polypeptide(L)'
_entity_poly.pdbx_seq_one_letter_code
;GKSKAELQSEERKRIDELIESGKEEGMKIDLIDGKGRGVIATKQFSRGDFVVEYHGDLIEITDAKKREALYAQDPSTGCY
MYYFQYLSKTYCVDATRETNRLGRLINHSKSGNCQTKLHDIDGVPHLILIASRDIAAGEELLYDYGDR
;
_entity_poly.pdbx_strand_id   A,B
#
# COMPACT_ATOMS: atom_id res chain seq x y z
CA LYS A 4 3.16 -38.00 5.34
C LYS A 4 3.85 -36.69 5.73
N ALA A 5 4.30 -36.58 7.00
CA ALA A 5 5.00 -35.40 7.53
C ALA A 5 6.44 -35.31 7.00
N GLU A 6 7.12 -36.48 6.82
CA GLU A 6 8.49 -36.61 6.31
C GLU A 6 8.65 -35.95 4.95
N LEU A 7 7.74 -36.29 4.00
CA LEU A 7 7.69 -35.73 2.64
C LEU A 7 7.39 -34.22 2.69
N GLN A 8 6.47 -33.79 3.58
CA GLN A 8 6.11 -32.38 3.77
C GLN A 8 7.33 -31.59 4.25
N SER A 9 8.09 -32.14 5.23
CA SER A 9 9.31 -31.57 5.81
C SER A 9 10.42 -31.47 4.76
N GLU A 10 10.55 -32.51 3.89
CA GLU A 10 11.52 -32.59 2.80
C GLU A 10 11.18 -31.61 1.65
N GLU A 11 9.87 -31.43 1.33
CA GLU A 11 9.44 -30.47 0.30
C GLU A 11 9.68 -29.04 0.81
N ARG A 12 9.42 -28.81 2.10
CA ARG A 12 9.63 -27.57 2.83
C ARG A 12 11.11 -27.20 2.73
N LYS A 13 12.02 -28.19 2.93
CA LYS A 13 13.47 -28.06 2.81
C LYS A 13 13.90 -27.61 1.41
N ARG A 14 13.30 -28.21 0.34
CA ARG A 14 13.56 -27.85 -1.06
C ARG A 14 13.07 -26.42 -1.36
N ILE A 15 11.89 -26.06 -0.81
CA ILE A 15 11.38 -24.70 -0.97
C ILE A 15 12.33 -23.71 -0.25
N ASP A 16 12.76 -24.04 1.00
CA ASP A 16 13.70 -23.21 1.78
C ASP A 16 15.00 -22.96 0.98
N GLU A 17 15.56 -24.03 0.39
CA GLU A 17 16.78 -24.01 -0.41
C GLU A 17 16.63 -23.15 -1.65
N LEU A 18 15.51 -23.31 -2.38
CA LEU A 18 15.23 -22.46 -3.55
C LEU A 18 15.15 -20.98 -3.12
N ILE A 19 14.37 -20.68 -2.06
CA ILE A 19 14.16 -19.32 -1.53
C ILE A 19 15.48 -18.62 -1.17
N GLU A 20 16.36 -19.35 -0.49
CA GLU A 20 17.64 -18.85 -0.01
C GLU A 20 18.80 -18.90 -1.04
N SER A 21 18.69 -19.71 -2.11
CA SER A 21 19.74 -19.83 -3.15
C SER A 21 19.96 -18.58 -4.01
N GLY A 22 18.92 -17.78 -4.20
CA GLY A 22 18.98 -16.59 -5.04
C GLY A 22 18.60 -16.87 -6.49
N LYS A 23 18.31 -18.16 -6.79
CA LYS A 23 17.97 -18.65 -8.13
C LYS A 23 16.47 -18.72 -8.36
N GLU A 24 16.05 -18.43 -9.60
CA GLU A 24 14.64 -18.47 -10.05
C GLU A 24 14.61 -19.12 -11.42
N GLU A 25 13.96 -20.28 -11.51
CA GLU A 25 13.87 -21.01 -12.78
C GLU A 25 12.43 -21.40 -13.10
N GLY A 26 12.21 -21.86 -14.32
CA GLY A 26 10.89 -22.25 -14.79
C GLY A 26 10.05 -21.06 -15.21
N MET A 27 10.69 -19.89 -15.36
CA MET A 27 9.98 -18.68 -15.82
C MET A 27 10.92 -17.73 -16.56
N LYS A 28 10.33 -16.79 -17.32
CA LYS A 28 11.10 -15.77 -18.04
C LYS A 28 10.28 -14.52 -18.35
N ILE A 29 10.96 -13.37 -18.46
CA ILE A 29 10.37 -12.08 -18.85
C ILE A 29 10.06 -12.22 -20.31
N ASP A 30 8.92 -11.71 -20.71
CA ASP A 30 8.48 -11.72 -22.10
C ASP A 30 7.52 -10.54 -22.29
N LEU A 31 7.25 -10.14 -23.54
CA LEU A 31 6.27 -9.10 -23.83
C LEU A 31 5.02 -9.86 -24.24
N ILE A 32 3.91 -9.65 -23.51
CA ILE A 32 2.61 -10.26 -23.78
C ILE A 32 1.92 -9.35 -24.82
N ASP A 33 1.49 -9.91 -25.97
CA ASP A 33 0.84 -9.15 -27.06
C ASP A 33 -0.38 -8.39 -26.54
N GLY A 34 -0.41 -7.10 -26.85
CA GLY A 34 -1.47 -6.18 -26.43
C GLY A 34 -1.44 -5.81 -24.95
N LYS A 35 -0.53 -6.43 -24.16
CA LYS A 35 -0.41 -6.19 -22.71
C LYS A 35 0.90 -5.49 -22.29
N GLY A 36 2.03 -5.95 -22.81
CA GLY A 36 3.33 -5.42 -22.42
C GLY A 36 4.11 -6.42 -21.59
N ARG A 37 5.04 -5.96 -20.72
CA ARG A 37 5.90 -6.85 -19.93
C ARG A 37 5.10 -7.77 -18.96
N GLY A 38 5.62 -9.00 -18.81
CA GLY A 38 5.03 -10.02 -17.95
C GLY A 38 5.94 -11.20 -17.80
N VAL A 39 5.51 -12.19 -17.02
CA VAL A 39 6.34 -13.36 -16.77
C VAL A 39 5.60 -14.57 -17.29
N ILE A 40 6.33 -15.40 -18.03
CA ILE A 40 5.84 -16.59 -18.68
C ILE A 40 6.44 -17.82 -18.01
N ALA A 41 5.66 -18.90 -17.87
CA ALA A 41 6.15 -20.18 -17.37
C ALA A 41 6.86 -20.84 -18.54
N THR A 42 8.08 -21.31 -18.33
CA THR A 42 8.85 -22.01 -19.37
C THR A 42 8.87 -23.51 -19.07
N LYS A 43 8.02 -23.93 -18.13
CA LYS A 43 7.82 -25.31 -17.71
C LYS A 43 6.41 -25.44 -17.13
N GLN A 44 5.92 -26.68 -17.04
CA GLN A 44 4.61 -26.98 -16.48
C GLN A 44 4.66 -26.86 -14.96
N PHE A 45 3.58 -26.39 -14.35
CA PHE A 45 3.43 -26.34 -12.89
C PHE A 45 2.16 -27.13 -12.52
N SER A 46 2.18 -27.86 -11.39
CA SER A 46 0.99 -28.57 -10.89
C SER A 46 0.42 -27.72 -9.77
N ARG A 47 -0.91 -27.78 -9.54
CA ARG A 47 -1.55 -27.01 -8.46
C ARG A 47 -0.80 -27.28 -7.15
N GLY A 48 -0.45 -26.22 -6.45
CA GLY A 48 0.26 -26.32 -5.18
C GLY A 48 1.76 -26.14 -5.25
N ASP A 49 2.37 -26.30 -6.44
CA ASP A 49 3.82 -26.14 -6.61
C ASP A 49 4.31 -24.74 -6.29
N PHE A 50 5.54 -24.64 -5.75
CA PHE A 50 6.18 -23.35 -5.49
C PHE A 50 6.47 -22.71 -6.87
N VAL A 51 6.13 -21.42 -7.03
CA VAL A 51 6.45 -20.74 -8.29
C VAL A 51 7.66 -19.85 -8.06
N VAL A 52 7.53 -18.84 -7.18
CA VAL A 52 8.57 -17.85 -6.93
C VAL A 52 8.21 -17.07 -5.66
N GLU A 53 9.21 -16.48 -5.03
CA GLU A 53 8.93 -15.62 -3.89
C GLU A 53 8.60 -14.22 -4.41
N TYR A 54 7.78 -13.47 -3.66
CA TYR A 54 7.57 -12.06 -3.90
C TYR A 54 8.70 -11.47 -3.03
N HIS A 55 9.87 -11.35 -3.63
CA HIS A 55 11.10 -10.96 -2.93
C HIS A 55 11.15 -9.47 -2.70
N GLY A 56 11.53 -9.10 -1.50
CA GLY A 56 11.68 -7.70 -1.11
C GLY A 56 12.20 -7.65 0.30
N ASP A 57 12.42 -6.44 0.83
CA ASP A 57 12.90 -6.35 2.19
C ASP A 57 11.74 -6.57 3.15
N LEU A 58 11.90 -7.50 4.09
CA LEU A 58 10.91 -7.75 5.13
C LEU A 58 11.20 -6.80 6.29
N ILE A 59 10.24 -5.93 6.58
CA ILE A 59 10.36 -4.91 7.63
C ILE A 59 9.10 -4.85 8.49
N GLU A 60 9.19 -4.25 9.68
CA GLU A 60 8.00 -4.08 10.51
C GLU A 60 7.33 -2.76 10.08
N ILE A 61 6.10 -2.52 10.55
CA ILE A 61 5.26 -1.39 10.11
C ILE A 61 5.96 -0.03 10.31
N THR A 62 6.70 0.17 11.42
CA THR A 62 7.39 1.44 11.72
C THR A 62 8.39 1.78 10.61
N ASP A 63 9.24 0.81 10.21
CA ASP A 63 10.18 1.00 9.11
C ASP A 63 9.46 1.16 7.78
N ALA A 64 8.32 0.47 7.60
CA ALA A 64 7.52 0.62 6.36
C ALA A 64 7.04 2.06 6.17
N LYS A 65 6.57 2.72 7.26
CA LYS A 65 6.16 4.12 7.23
C LYS A 65 7.34 5.05 6.90
N LYS A 66 8.52 4.80 7.51
CA LYS A 66 9.75 5.57 7.25
C LYS A 66 10.14 5.49 5.76
N ARG A 67 10.19 4.28 5.21
CA ARG A 67 10.48 4.06 3.78
C ARG A 67 9.44 4.75 2.85
N GLU A 68 8.15 4.54 3.13
CA GLU A 68 7.06 5.11 2.32
C GLU A 68 7.17 6.66 2.24
N ALA A 69 7.57 7.29 3.36
CA ALA A 69 7.72 8.73 3.47
C ALA A 69 8.93 9.25 2.69
N LEU A 70 9.96 8.40 2.57
CA LEU A 70 11.22 8.81 1.95
C LEU A 70 11.31 8.55 0.45
N TYR A 71 10.59 7.52 -0.06
CA TYR A 71 10.61 7.22 -1.50
C TYR A 71 10.14 8.45 -2.27
C TYR A 71 10.27 8.42 -2.42
N ALA A 72 9.11 9.14 -1.70
N ALA A 72 11.06 8.62 -3.51
CA ALA A 72 8.49 10.34 -2.25
CA ALA A 72 10.83 9.70 -4.50
C ALA A 72 8.08 10.19 -3.74
C ALA A 72 9.98 9.11 -5.62
N GLN A 73 7.86 8.92 -4.16
N GLN A 73 8.69 9.04 -5.35
CA GLN A 73 7.44 8.53 -5.51
CA GLN A 73 7.67 8.45 -6.20
C GLN A 73 5.97 8.87 -5.67
C GLN A 73 6.31 9.07 -5.93
N ASP A 74 5.44 8.95 -6.91
CA ASP A 74 4.04 9.37 -6.98
C ASP A 74 3.15 8.15 -6.78
N PRO A 75 2.09 8.21 -5.93
CA PRO A 75 1.25 7.01 -5.71
C PRO A 75 0.49 6.53 -6.93
N SER A 76 0.32 7.39 -7.97
CA SER A 76 -0.37 7.03 -9.21
C SER A 76 0.37 5.93 -10.03
N THR A 77 1.65 5.65 -9.71
CA THR A 77 2.43 4.64 -10.45
C THR A 77 2.44 3.26 -9.74
N GLY A 78 1.69 3.14 -8.65
CA GLY A 78 1.59 1.86 -7.97
C GLY A 78 2.57 1.66 -6.85
N CYS A 79 2.23 0.74 -5.98
CA CYS A 79 3.02 0.51 -4.79
C CYS A 79 3.51 -0.93 -4.73
N TYR A 80 4.80 -1.14 -4.38
CA TYR A 80 5.37 -2.48 -4.24
C TYR A 80 5.44 -2.97 -2.81
N MET A 81 4.94 -2.17 -1.87
CA MET A 81 4.94 -2.52 -0.43
C MET A 81 3.66 -3.25 -0.09
N TYR A 82 3.80 -4.54 0.29
CA TYR A 82 2.69 -5.43 0.63
C TYR A 82 2.67 -5.68 2.14
N TYR A 83 1.51 -5.45 2.79
CA TYR A 83 1.38 -5.59 4.24
C TYR A 83 0.63 -6.85 4.64
N PHE A 84 1.03 -7.49 5.72
CA PHE A 84 0.33 -8.67 6.20
C PHE A 84 0.60 -8.84 7.69
N GLN A 85 -0.24 -9.58 8.39
CA GLN A 85 0.04 -9.88 9.78
C GLN A 85 0.53 -11.33 9.86
N TYR A 86 1.47 -11.58 10.77
CA TYR A 86 2.05 -12.92 10.95
C TYR A 86 2.36 -13.04 12.40
N LEU A 87 1.78 -14.04 13.09
N LEU A 87 1.58 -13.95 13.02
CA LEU A 87 2.03 -14.33 14.53
CA LEU A 87 1.50 -14.21 14.45
C LEU A 87 2.14 -13.08 15.49
C LEU A 87 1.00 -12.88 15.07
N SER A 88 1.10 -12.21 15.49
N SER A 88 1.72 -12.28 16.04
CA SER A 88 0.89 -11.00 16.31
CA SER A 88 1.29 -11.02 16.65
C SER A 88 1.61 -9.75 15.78
C SER A 88 1.95 -9.78 16.03
N LYS A 89 2.50 -9.90 14.80
CA LYS A 89 3.20 -8.76 14.20
C LYS A 89 2.70 -8.39 12.83
N THR A 90 2.78 -7.08 12.50
CA THR A 90 2.45 -6.59 11.16
C THR A 90 3.76 -6.36 10.42
N TYR A 91 3.88 -6.98 9.26
CA TYR A 91 5.05 -6.86 8.41
C TYR A 91 4.72 -6.21 7.10
N CYS A 92 5.77 -5.80 6.41
CA CYS A 92 5.72 -5.33 5.06
C CYS A 92 6.80 -6.02 4.24
N VAL A 93 6.43 -6.53 3.06
CA VAL A 93 7.40 -7.00 2.09
C VAL A 93 7.55 -5.86 1.11
N ASP A 94 8.69 -5.22 1.13
CA ASP A 94 8.90 -4.02 0.32
C ASP A 94 9.73 -4.33 -0.90
N ALA A 95 9.07 -4.49 -2.02
CA ALA A 95 9.74 -4.82 -3.27
C ALA A 95 9.94 -3.59 -4.18
N THR A 96 10.06 -2.36 -3.60
CA THR A 96 10.25 -1.13 -4.42
C THR A 96 11.53 -1.13 -5.27
N ARG A 97 12.65 -1.61 -4.70
CA ARG A 97 13.95 -1.68 -5.35
C ARG A 97 13.88 -2.45 -6.69
N GLU A 98 14.43 -1.84 -7.75
CA GLU A 98 14.47 -2.39 -9.10
C GLU A 98 15.59 -3.42 -9.29
N THR A 99 15.37 -4.63 -8.70
CA THR A 99 16.24 -5.83 -8.74
C THR A 99 15.95 -6.65 -10.01
N ASN A 100 16.64 -7.78 -10.18
CA ASN A 100 16.48 -8.68 -11.31
C ASN A 100 15.48 -9.82 -10.99
N ARG A 101 14.83 -9.76 -9.81
CA ARG A 101 13.88 -10.76 -9.35
C ARG A 101 12.59 -10.66 -10.15
N LEU A 102 11.99 -11.82 -10.41
CA LEU A 102 10.80 -11.99 -11.23
C LEU A 102 9.46 -11.93 -10.48
N GLY A 103 9.43 -12.21 -9.17
CA GLY A 103 8.18 -12.21 -8.41
C GLY A 103 7.40 -10.90 -8.54
N ARG A 104 8.11 -9.77 -8.42
CA ARG A 104 7.49 -8.43 -8.48
C ARG A 104 7.06 -8.05 -9.91
N LEU A 105 7.49 -8.82 -10.93
CA LEU A 105 7.17 -8.59 -12.36
C LEU A 105 5.91 -9.37 -12.83
N ILE A 106 5.44 -10.35 -12.01
CA ILE A 106 4.28 -11.18 -12.33
C ILE A 106 3.08 -10.26 -12.26
N ASN A 107 2.33 -10.20 -13.38
CA ASN A 107 1.16 -9.33 -13.45
C ASN A 107 0.00 -9.84 -12.63
N HIS A 108 -0.88 -8.92 -12.28
CA HIS A 108 -2.08 -9.26 -11.56
C HIS A 108 -3.18 -9.65 -12.58
N SER A 109 -4.14 -10.45 -12.14
CA SER A 109 -5.32 -10.78 -12.94
C SER A 109 -6.48 -11.01 -12.02
N LYS A 110 -7.72 -10.71 -12.53
CA LYS A 110 -9.00 -10.92 -11.82
C LYS A 110 -9.15 -12.43 -11.50
N SER A 111 -8.47 -13.32 -12.28
CA SER A 111 -8.41 -14.76 -12.07
C SER A 111 -7.06 -15.25 -12.59
N GLY A 112 -6.09 -15.35 -11.69
CA GLY A 112 -4.75 -15.77 -12.06
C GLY A 112 -4.53 -17.25 -11.89
N ASN A 113 -3.30 -17.70 -12.07
CA ASN A 113 -2.92 -19.09 -11.89
C ASN A 113 -1.91 -19.24 -10.73
N CYS A 114 -1.63 -18.13 -10.02
CA CYS A 114 -0.75 -18.07 -8.84
C CYS A 114 -1.51 -17.42 -7.69
N GLN A 115 -1.33 -17.98 -6.49
CA GLN A 115 -1.90 -17.45 -5.24
CA GLN A 115 -1.88 -17.41 -5.26
C GLN A 115 -0.77 -17.27 -4.22
N THR A 116 -0.97 -16.42 -3.24
CA THR A 116 0.04 -16.16 -2.23
C THR A 116 -0.14 -17.07 -1.03
N LYS A 117 0.96 -17.33 -0.35
CA LYS A 117 1.04 -18.12 0.88
C LYS A 117 2.20 -17.54 1.70
N LEU A 118 2.09 -17.60 3.03
CA LEU A 118 3.19 -17.22 3.91
C LEU A 118 3.96 -18.51 4.23
N HIS A 119 5.26 -18.47 4.01
CA HIS A 119 6.15 -19.59 4.24
C HIS A 119 7.19 -19.18 5.27
N ASP A 120 7.07 -19.78 6.44
CA ASP A 120 7.96 -19.55 7.57
C ASP A 120 9.29 -20.24 7.36
N ILE A 121 10.41 -19.48 7.52
CA ILE A 121 11.77 -20.02 7.53
C ILE A 121 12.42 -19.57 8.84
N ASP A 122 12.43 -20.48 9.85
CA ASP A 122 12.96 -20.26 11.20
C ASP A 122 12.35 -19.00 11.89
N GLY A 123 11.02 -18.90 11.86
CA GLY A 123 10.30 -17.81 12.48
C GLY A 123 10.25 -16.54 11.66
N VAL A 124 10.78 -16.57 10.43
CA VAL A 124 10.80 -15.38 9.56
C VAL A 124 9.86 -15.70 8.38
N PRO A 125 8.76 -14.91 8.19
CA PRO A 125 7.80 -15.23 7.11
C PRO A 125 8.29 -14.73 5.75
N HIS A 126 8.02 -15.52 4.70
CA HIS A 126 8.37 -15.19 3.34
C HIS A 126 7.08 -15.23 2.55
N LEU A 127 6.85 -14.24 1.67
CA LEU A 127 5.61 -14.22 0.89
C LEU A 127 5.90 -14.91 -0.45
N ILE A 128 5.30 -16.08 -0.67
CA ILE A 128 5.57 -16.85 -1.89
C ILE A 128 4.39 -16.99 -2.77
N LEU A 129 4.64 -17.24 -4.05
CA LEU A 129 3.59 -17.51 -5.02
C LEU A 129 3.61 -18.99 -5.29
N ILE A 130 2.44 -19.65 -5.21
CA ILE A 130 2.28 -21.09 -5.49
C ILE A 130 1.23 -21.23 -6.61
N ALA A 131 1.27 -22.32 -7.39
CA ALA A 131 0.27 -22.46 -8.46
C ALA A 131 -1.14 -22.72 -7.86
N SER A 132 -2.16 -21.93 -8.30
CA SER A 132 -3.55 -22.11 -7.82
C SER A 132 -4.31 -23.18 -8.62
N ARG A 133 -3.72 -23.59 -9.74
CA ARG A 133 -4.25 -24.62 -10.66
C ARG A 133 -3.07 -25.10 -11.48
N ASP A 134 -3.29 -26.13 -12.30
CA ASP A 134 -2.25 -26.63 -13.20
C ASP A 134 -1.90 -25.54 -14.22
N ILE A 135 -0.61 -25.32 -14.47
CA ILE A 135 -0.11 -24.30 -15.42
C ILE A 135 0.64 -24.96 -16.55
N ALA A 136 0.28 -24.62 -17.80
CA ALA A 136 0.97 -25.12 -18.98
C ALA A 136 2.21 -24.27 -19.26
N ALA A 137 3.27 -24.87 -19.85
CA ALA A 137 4.46 -24.11 -20.25
C ALA A 137 3.99 -23.12 -21.34
N GLY A 138 4.46 -21.88 -21.27
CA GLY A 138 4.09 -20.84 -22.21
C GLY A 138 3.01 -19.91 -21.70
N GLU A 139 2.24 -20.32 -20.66
CA GLU A 139 1.21 -19.49 -20.06
C GLU A 139 1.85 -18.33 -19.32
N GLU A 140 1.16 -17.19 -19.30
CA GLU A 140 1.60 -16.06 -18.50
C GLU A 140 1.29 -16.41 -17.04
N LEU A 141 2.25 -16.17 -16.17
CA LEU A 141 2.06 -16.34 -14.73
C LEU A 141 1.34 -15.07 -14.31
N LEU A 142 0.21 -15.23 -13.63
CA LEU A 142 -0.65 -14.11 -13.20
C LEU A 142 -1.07 -14.35 -11.78
N TYR A 143 -0.90 -13.38 -10.91
CA TYR A 143 -1.28 -13.62 -9.52
C TYR A 143 -2.61 -12.96 -9.20
N ASP A 144 -3.24 -13.47 -8.16
CA ASP A 144 -4.36 -12.81 -7.56
C ASP A 144 -4.15 -12.93 -6.05
N TYR A 145 -4.70 -12.00 -5.30
CA TYR A 145 -4.56 -11.97 -3.84
C TYR A 145 -5.45 -13.01 -3.15
N GLY A 146 -6.48 -13.49 -3.86
CA GLY A 146 -7.43 -14.48 -3.35
N LYS B 4 -1.71 26.92 27.68
CA LYS B 4 -1.40 26.11 26.49
C LYS B 4 -2.39 24.97 26.30
N ALA B 5 -2.88 24.38 27.41
CA ALA B 5 -3.84 23.27 27.43
C ALA B 5 -5.22 23.70 26.91
N GLU B 6 -5.61 24.96 27.18
CA GLU B 6 -6.89 25.55 26.76
C GLU B 6 -6.96 25.70 25.23
N LEU B 7 -5.88 26.23 24.63
CA LEU B 7 -5.73 26.43 23.18
C LEU B 7 -5.69 25.08 22.45
N GLN B 8 -5.07 24.06 23.09
CA GLN B 8 -4.94 22.69 22.60
C GLN B 8 -6.28 21.96 22.58
N SER B 9 -7.12 22.22 23.61
CA SER B 9 -8.46 21.62 23.76
C SER B 9 -9.46 22.24 22.79
N GLU B 10 -9.44 23.59 22.67
CA GLU B 10 -10.30 24.39 21.79
C GLU B 10 -10.12 23.94 20.32
N GLU B 11 -8.84 23.71 19.92
CA GLU B 11 -8.47 23.25 18.58
C GLU B 11 -8.88 21.79 18.35
N ARG B 12 -8.70 20.92 19.38
CA ARG B 12 -9.08 19.51 19.33
C ARG B 12 -10.57 19.35 19.02
N LYS B 13 -11.43 20.20 19.64
CA LYS B 13 -12.88 20.27 19.43
C LYS B 13 -13.22 20.80 18.03
N ARG B 14 -12.49 21.83 17.54
CA ARG B 14 -12.65 22.43 16.21
C ARG B 14 -12.41 21.38 15.13
N ILE B 15 -11.33 20.57 15.26
CA ILE B 15 -10.97 19.50 14.30
C ILE B 15 -12.05 18.39 14.29
N ASP B 16 -12.50 17.96 15.51
CA ASP B 16 -13.53 16.95 15.74
C ASP B 16 -14.86 17.30 15.08
N GLU B 17 -15.29 18.58 15.21
CA GLU B 17 -16.54 19.08 14.63
C GLU B 17 -16.51 19.02 13.09
N LEU B 18 -15.41 19.45 12.46
CA LEU B 18 -15.22 19.43 11.00
C LEU B 18 -15.34 18.00 10.43
N ILE B 19 -14.66 17.03 11.06
CA ILE B 19 -14.66 15.60 10.70
C ILE B 19 -16.10 15.04 10.78
N GLU B 20 -16.82 15.32 11.89
CA GLU B 20 -18.18 14.85 12.18
C GLU B 20 -19.31 15.64 11.47
N SER B 21 -18.96 16.63 10.61
CA SER B 21 -19.94 17.44 9.87
C SER B 21 -19.92 17.15 8.36
N GLY B 22 -18.80 16.58 7.89
CA GLY B 22 -18.59 16.24 6.49
C GLY B 22 -18.08 17.40 5.63
N LYS B 23 -18.36 18.65 6.08
CA LYS B 23 -17.97 19.90 5.40
C LYS B 23 -16.45 20.01 5.31
N GLU B 24 -15.97 20.32 4.10
CA GLU B 24 -14.55 20.45 3.78
C GLU B 24 -14.35 21.80 3.12
N GLU B 25 -14.06 22.80 3.95
CA GLU B 25 -13.96 24.20 3.55
C GLU B 25 -12.53 24.69 3.20
N GLY B 26 -12.49 25.75 2.40
CA GLY B 26 -11.25 26.41 2.01
C GLY B 26 -10.43 25.72 0.94
N MET B 27 -11.07 24.83 0.14
CA MET B 27 -10.38 24.14 -0.95
C MET B 27 -11.32 23.72 -2.08
N LYS B 28 -10.78 23.43 -3.28
CA LYS B 28 -11.57 22.99 -4.43
C LYS B 28 -10.75 22.16 -5.42
N ILE B 29 -11.44 21.35 -6.23
CA ILE B 29 -10.83 20.52 -7.28
C ILE B 29 -10.48 21.47 -8.42
N ASP B 30 -9.31 21.31 -9.02
CA ASP B 30 -8.93 22.18 -10.14
C ASP B 30 -7.82 21.62 -10.98
N LEU B 31 -7.69 22.14 -12.21
CA LEU B 31 -6.62 21.82 -13.15
C LEU B 31 -5.46 22.75 -12.72
N ILE B 32 -4.50 22.20 -11.97
CA ILE B 32 -3.34 22.95 -11.47
C ILE B 32 -2.43 23.36 -12.63
N ASP B 33 -2.10 24.66 -12.69
CA ASP B 33 -1.24 25.27 -13.70
C ASP B 33 0.12 24.56 -13.87
N GLY B 34 0.36 24.07 -15.09
CA GLY B 34 1.57 23.36 -15.49
C GLY B 34 1.73 21.94 -14.98
N LYS B 35 0.64 21.32 -14.47
CA LYS B 35 0.66 19.96 -13.91
C LYS B 35 -0.51 19.04 -14.35
N GLY B 36 -1.70 19.34 -13.84
CA GLY B 36 -2.92 18.56 -14.07
C GLY B 36 -3.87 18.62 -12.89
N ARG B 37 -4.80 17.64 -12.80
CA ARG B 37 -5.81 17.57 -11.74
C ARG B 37 -5.21 17.53 -10.30
N GLY B 38 -5.81 18.31 -9.38
CA GLY B 38 -5.41 18.40 -7.98
C GLY B 38 -6.44 19.09 -7.10
N VAL B 39 -5.99 19.66 -5.98
CA VAL B 39 -6.81 20.37 -5.01
C VAL B 39 -6.07 21.65 -4.71
N ILE B 40 -6.77 22.78 -4.83
N ILE B 40 -6.76 22.79 -4.87
CA ILE B 40 -6.23 24.11 -4.61
CA ILE B 40 -6.22 24.14 -4.63
C ILE B 40 -6.86 24.73 -3.36
C ILE B 40 -6.85 24.72 -3.36
N ALA B 41 -6.06 25.45 -2.55
CA ALA B 41 -6.54 26.16 -1.36
C ALA B 41 -7.34 27.36 -1.88
N THR B 42 -8.50 27.65 -1.29
CA THR B 42 -9.31 28.82 -1.69
C THR B 42 -9.31 29.86 -0.58
N LYS B 43 -8.48 29.61 0.45
CA LYS B 43 -8.31 30.49 1.59
C LYS B 43 -6.91 30.26 2.17
N GLN B 44 -6.56 31.11 3.15
CA GLN B 44 -5.29 31.03 3.86
C GLN B 44 -5.33 29.92 4.88
N PHE B 45 -4.18 29.26 5.06
CA PHE B 45 -3.95 28.24 6.07
C PHE B 45 -2.66 28.62 6.78
N SER B 46 -2.66 28.65 8.13
CA SER B 46 -1.45 28.96 8.92
C SER B 46 -0.76 27.64 9.20
N ARG B 47 0.55 27.66 9.53
CA ARG B 47 1.29 26.43 9.84
C ARG B 47 0.65 25.77 11.06
N GLY B 48 0.37 24.48 10.96
CA GLY B 48 -0.24 23.71 12.03
C GLY B 48 -1.75 23.55 11.95
N ASP B 49 -2.41 24.33 11.06
CA ASP B 49 -3.86 24.27 10.86
C ASP B 49 -4.34 23.00 10.21
N PHE B 50 -5.56 22.54 10.61
CA PHE B 50 -6.22 21.37 10.03
C PHE B 50 -6.59 21.74 8.61
N VAL B 51 -6.31 20.85 7.69
CA VAL B 51 -6.66 21.15 6.31
C VAL B 51 -7.88 20.30 5.93
N VAL B 52 -7.74 18.95 6.01
CA VAL B 52 -8.77 17.99 5.60
C VAL B 52 -8.35 16.60 6.11
N GLU B 53 -9.32 15.71 6.26
CA GLU B 53 -9.02 14.34 6.64
C GLU B 53 -8.79 13.56 5.35
N TYR B 54 -7.95 12.51 5.43
CA TYR B 54 -7.82 11.51 4.37
C TYR B 54 -8.93 10.53 4.78
N HIS B 55 -10.12 10.82 4.30
CA HIS B 55 -11.35 10.09 4.66
C HIS B 55 -11.40 8.77 3.93
N GLY B 56 -11.84 7.75 4.63
CA GLY B 56 -12.00 6.41 4.08
C GLY B 56 -12.48 5.47 5.16
N ASP B 57 -12.73 4.21 4.81
CA ASP B 57 -13.17 3.22 5.80
C ASP B 57 -12.00 2.81 6.67
N LEU B 58 -12.17 2.95 7.99
CA LEU B 58 -11.16 2.51 8.94
C LEU B 58 -11.38 1.03 9.17
N ILE B 59 -10.39 0.20 8.80
CA ILE B 59 -10.52 -1.24 8.93
C ILE B 59 -9.27 -1.89 9.56
N GLU B 60 -9.42 -3.11 10.04
CA GLU B 60 -8.35 -3.93 10.57
C GLU B 60 -7.65 -4.62 9.38
N ILE B 61 -6.44 -5.16 9.61
CA ILE B 61 -5.63 -5.77 8.57
C ILE B 61 -6.33 -6.97 7.85
N THR B 62 -7.15 -7.80 8.60
CA THR B 62 -7.87 -8.94 8.01
CA THR B 62 -7.87 -8.93 8.00
C THR B 62 -8.83 -8.45 6.92
N ASP B 63 -9.62 -7.42 7.22
CA ASP B 63 -10.53 -6.84 6.25
C ASP B 63 -9.76 -6.11 5.14
N ALA B 64 -8.60 -5.47 5.45
CA ALA B 64 -7.78 -4.82 4.41
C ALA B 64 -7.34 -5.85 3.37
N LYS B 65 -6.92 -7.06 3.82
CA LYS B 65 -6.51 -8.13 2.90
C LYS B 65 -7.66 -8.63 2.05
N LYS B 66 -8.83 -8.73 2.64
CA LYS B 66 -10.03 -9.19 1.91
C LYS B 66 -10.42 -8.13 0.85
N ARG B 67 -10.39 -6.83 1.21
CA ARG B 67 -10.73 -5.78 0.24
C ARG B 67 -9.74 -5.73 -0.91
N GLU B 68 -8.44 -5.79 -0.60
CA GLU B 68 -7.35 -5.79 -1.60
C GLU B 68 -7.58 -6.96 -2.56
N ALA B 69 -7.99 -8.14 -2.02
CA ALA B 69 -8.30 -9.31 -2.83
C ALA B 69 -9.58 -9.10 -3.67
N LEU B 70 -10.59 -8.39 -3.13
CA LEU B 70 -11.86 -8.20 -3.84
C LEU B 70 -11.80 -7.15 -4.93
N TYR B 71 -11.09 -6.03 -4.68
CA TYR B 71 -11.00 -4.95 -5.66
C TYR B 71 -10.36 -5.51 -6.93
N ALA B 72 -9.41 -6.45 -6.73
CA ALA B 72 -8.67 -7.18 -7.77
C ALA B 72 -8.21 -6.19 -8.88
N GLN B 73 -7.76 -4.99 -8.44
CA GLN B 73 -7.35 -3.94 -9.38
C GLN B 73 -5.96 -4.11 -9.90
N ASP B 74 -5.65 -3.41 -10.97
CA ASP B 74 -4.31 -3.51 -11.48
C ASP B 74 -3.44 -2.64 -10.57
N PRO B 75 -2.36 -3.19 -9.97
CA PRO B 75 -1.55 -2.40 -9.03
C PRO B 75 -0.81 -1.20 -9.64
N SER B 76 -0.68 -1.13 -10.97
CA SER B 76 0.05 -0.03 -11.64
C SER B 76 -0.66 1.34 -11.55
N THR B 77 -1.97 1.36 -11.23
CA THR B 77 -2.77 2.61 -11.12
C THR B 77 -2.76 3.17 -9.69
N GLY B 78 -2.03 2.54 -8.79
CA GLY B 78 -1.92 3.12 -7.45
C GLY B 78 -2.92 2.58 -6.48
N CYS B 79 -2.66 2.81 -5.22
CA CYS B 79 -3.45 2.23 -4.15
C CYS B 79 -3.93 3.32 -3.22
N TYR B 80 -5.21 3.25 -2.77
CA TYR B 80 -5.80 4.21 -1.83
C TYR B 80 -5.86 3.69 -0.39
N MET B 81 -5.31 2.50 -0.15
CA MET B 81 -5.32 1.85 1.18
C MET B 81 -4.03 2.18 1.92
N TYR B 82 -4.15 2.95 3.01
CA TYR B 82 -3.06 3.44 3.83
C TYR B 82 -2.99 2.70 5.17
N TYR B 83 -1.85 2.05 5.43
CA TYR B 83 -1.61 1.26 6.64
C TYR B 83 -0.84 2.03 7.69
N PHE B 84 -1.24 1.86 8.96
CA PHE B 84 -0.57 2.53 10.07
C PHE B 84 -0.75 1.80 11.38
N GLN B 85 0.08 2.16 12.36
CA GLN B 85 -0.01 1.63 13.71
C GLN B 85 -0.41 2.78 14.63
N TYR B 86 -1.40 2.51 15.46
CA TYR B 86 -1.91 3.44 16.46
C TYR B 86 -2.15 2.66 17.77
N LEU B 87 -1.46 3.06 18.84
CA LEU B 87 -1.52 2.42 20.15
C LEU B 87 -1.28 0.91 20.06
N SER B 88 -0.21 0.55 19.32
CA SER B 88 0.26 -0.83 19.12
C SER B 88 -0.68 -1.71 18.27
N LYS B 89 -1.75 -1.13 17.66
CA LYS B 89 -2.68 -1.86 16.79
C LYS B 89 -2.54 -1.40 15.35
N THR B 90 -2.70 -2.33 14.42
CA THR B 90 -2.61 -2.02 13.00
C THR B 90 -3.98 -1.63 12.44
N TYR B 91 -3.99 -0.55 11.66
CA TYR B 91 -5.19 -0.08 10.96
C TYR B 91 -4.91 0.16 9.49
N CYS B 92 -5.98 0.28 8.72
CA CYS B 92 -5.95 0.69 7.32
C CYS B 92 -7.08 1.70 7.10
N VAL B 93 -6.76 2.84 6.44
CA VAL B 93 -7.74 3.80 5.99
C VAL B 93 -7.86 3.50 4.51
N ASP B 94 -9.02 3.00 4.12
CA ASP B 94 -9.24 2.65 2.73
C ASP B 94 -10.10 3.73 2.03
N ALA B 95 -9.46 4.57 1.21
CA ALA B 95 -10.14 5.62 0.43
C ALA B 95 -10.34 5.20 -1.05
N THR B 96 -10.40 3.87 -1.36
CA THR B 96 -10.62 3.40 -2.75
C THR B 96 -11.94 3.96 -3.39
N ARG B 97 -13.05 3.96 -2.64
CA ARG B 97 -14.37 4.44 -3.11
C ARG B 97 -14.35 5.90 -3.62
N GLU B 98 -14.88 6.13 -4.84
CA GLU B 98 -14.95 7.49 -5.41
C GLU B 98 -16.09 8.27 -4.77
N THR B 99 -15.74 9.11 -3.79
CA THR B 99 -16.72 9.94 -3.07
C THR B 99 -16.56 11.42 -3.46
N ASN B 100 -17.23 12.30 -2.73
CA ASN B 100 -17.17 13.74 -2.88
C ASN B 100 -16.00 14.35 -2.03
N ARG B 101 -15.26 13.49 -1.30
CA ARG B 101 -14.15 13.83 -0.40
C ARG B 101 -12.86 14.28 -1.12
N LEU B 102 -12.30 15.40 -0.65
CA LEU B 102 -11.15 16.05 -1.28
C LEU B 102 -9.79 15.54 -0.84
N GLY B 103 -9.69 15.06 0.39
CA GLY B 103 -8.43 14.55 0.95
C GLY B 103 -7.72 13.53 0.08
N ARG B 104 -8.46 12.55 -0.49
CA ARG B 104 -7.89 11.49 -1.35
C ARG B 104 -7.43 12.02 -2.73
N LEU B 105 -7.84 13.24 -3.07
CA LEU B 105 -7.50 13.86 -4.37
C LEU B 105 -6.25 14.76 -4.26
N ILE B 106 -5.78 15.02 -3.03
CA ILE B 106 -4.60 15.89 -2.81
C ILE B 106 -3.36 15.16 -3.32
N ASN B 107 -2.65 15.79 -4.26
CA ASN B 107 -1.42 15.22 -4.82
C ASN B 107 -0.29 15.17 -3.82
N HIS B 108 0.63 14.20 -4.04
CA HIS B 108 1.80 14.01 -3.22
C HIS B 108 2.97 14.90 -3.69
N SER B 109 3.79 15.34 -2.74
CA SER B 109 5.04 16.05 -2.99
C SER B 109 5.90 16.02 -1.73
N LYS B 110 7.21 15.73 -1.88
CA LYS B 110 8.16 15.81 -0.74
C LYS B 110 8.38 17.30 -0.40
N SER B 111 8.08 18.19 -1.36
CA SER B 111 8.15 19.64 -1.17
C SER B 111 6.73 20.16 -0.83
N GLY B 112 5.88 19.30 -0.26
CA GLY B 112 4.50 19.62 0.08
C GLY B 112 4.28 20.70 1.12
N ASN B 113 3.01 21.10 1.28
CA ASN B 113 2.57 22.09 2.26
C ASN B 113 1.60 21.46 3.29
N CYS B 114 1.37 20.13 3.18
CA CYS B 114 0.50 19.39 4.09
C CYS B 114 1.33 18.23 4.60
N GLN B 115 1.17 17.91 5.89
CA GLN B 115 1.81 16.77 6.55
C GLN B 115 0.69 15.93 7.19
N THR B 116 0.98 14.66 7.46
CA THR B 116 -0.01 13.75 8.06
C THR B 116 0.07 13.78 9.60
N LYS B 117 -1.06 13.49 10.26
CA LYS B 117 -1.15 13.39 11.71
C LYS B 117 -2.29 12.43 12.01
N LEU B 118 -2.10 11.60 13.05
CA LEU B 118 -3.11 10.69 13.57
C LEU B 118 -3.86 11.47 14.65
N HIS B 119 -5.15 11.70 14.43
CA HIS B 119 -5.99 12.43 15.37
C HIS B 119 -7.05 11.50 15.96
N ASP B 120 -6.99 11.31 17.27
CA ASP B 120 -7.89 10.46 18.05
C ASP B 120 -9.26 11.11 18.33
N ILE B 121 -10.36 10.34 18.13
CA ILE B 121 -11.72 10.71 18.52
C ILE B 121 -12.27 9.50 19.29
N ASP B 122 -12.17 9.59 20.64
CA ASP B 122 -12.56 8.56 21.61
C ASP B 122 -11.93 7.19 21.31
N GLY B 123 -10.61 7.18 21.19
CA GLY B 123 -9.84 5.96 20.90
C GLY B 123 -9.75 5.57 19.42
N VAL B 124 -10.54 6.24 18.56
CA VAL B 124 -10.59 5.94 17.12
C VAL B 124 -9.62 6.86 16.36
N PRO B 125 -8.61 6.28 15.67
CA PRO B 125 -7.68 7.14 14.93
C PRO B 125 -8.27 7.63 13.61
N HIS B 126 -7.99 8.90 13.31
CA HIS B 126 -8.36 9.52 12.02
C HIS B 126 -7.07 10.08 11.43
N LEU B 127 -6.81 9.82 10.16
CA LEU B 127 -5.64 10.34 9.48
C LEU B 127 -6.04 11.69 8.91
N ILE B 128 -5.36 12.73 9.38
CA ILE B 128 -5.66 14.10 8.94
C ILE B 128 -4.46 14.73 8.28
N LEU B 129 -4.72 15.74 7.45
CA LEU B 129 -3.70 16.54 6.81
C LEU B 129 -3.63 17.90 7.50
N ILE B 130 -2.45 18.28 7.97
CA ILE B 130 -2.24 19.57 8.64
C ILE B 130 -1.21 20.41 7.84
N ALA B 131 -1.36 21.74 7.85
CA ALA B 131 -0.45 22.60 7.09
C ALA B 131 0.98 22.54 7.65
N SER B 132 1.95 22.11 6.83
CA SER B 132 3.36 22.00 7.23
C SER B 132 4.05 23.38 7.26
N ARG B 133 3.41 24.37 6.63
CA ARG B 133 3.83 25.78 6.57
C ARG B 133 2.60 26.59 6.21
N ASP B 134 2.74 27.93 6.18
CA ASP B 134 1.66 28.82 5.77
C ASP B 134 1.30 28.52 4.30
N ILE B 135 0.00 28.49 4.00
CA ILE B 135 -0.54 28.24 2.67
C ILE B 135 -1.41 29.45 2.30
N ALA B 136 -1.10 30.10 1.16
CA ALA B 136 -1.87 31.22 0.61
C ALA B 136 -2.98 30.70 -0.31
N ALA B 137 -4.06 31.47 -0.47
CA ALA B 137 -5.15 31.11 -1.39
C ALA B 137 -4.60 30.99 -2.81
N GLY B 138 -5.00 29.95 -3.53
CA GLY B 138 -4.54 29.73 -4.89
C GLY B 138 -3.42 28.73 -5.02
N GLU B 139 -2.78 28.37 -3.89
CA GLU B 139 -1.73 27.37 -3.86
C GLU B 139 -2.32 25.98 -3.99
N GLU B 140 -1.65 25.10 -4.75
CA GLU B 140 -2.10 23.71 -4.79
C GLU B 140 -1.72 23.04 -3.45
N LEU B 141 -2.64 22.25 -2.91
CA LEU B 141 -2.42 21.49 -1.68
C LEU B 141 -1.68 20.23 -2.09
N LEU B 142 -0.58 19.93 -1.37
CA LEU B 142 0.32 18.80 -1.66
C LEU B 142 0.76 18.15 -0.37
N TYR B 143 0.68 16.83 -0.29
CA TYR B 143 1.00 16.16 0.95
C TYR B 143 2.34 15.50 0.90
N ASP B 144 2.93 15.39 2.08
CA ASP B 144 4.15 14.65 2.34
C ASP B 144 3.71 13.60 3.38
N TYR B 145 4.26 12.35 3.35
CA TYR B 145 3.88 11.31 4.33
C TYR B 145 4.42 11.59 5.75
N GLY B 146 5.50 12.33 5.82
CA GLY B 146 6.15 12.66 7.09
C GLY B 146 5.27 13.36 8.10
N ASP B 147 5.70 13.26 9.38
CA ASP B 147 5.06 13.89 10.55
C ASP B 147 5.78 15.20 10.88
N ARG B 148 7.08 15.30 10.53
CA ARG B 148 7.93 16.47 10.75
#